data_3P3N
#
_entry.id   3P3N
#
_cell.length_a   86.188
_cell.length_b   86.188
_cell.length_c   147.943
_cell.angle_alpha   90.00
_cell.angle_beta   90.00
_cell.angle_gamma   90.00
#
_symmetry.space_group_name_H-M   'P 41 21 2'
#
loop_
_entity.id
_entity.type
_entity.pdbx_description
1 polymer 'Hypoxia-inducible factor 1-alpha inhibitor'
2 polymer 'Notch 1 protein'
3 non-polymer 'FE (II) ION'
4 non-polymer 'SULFATE ION'
5 non-polymer '2-OXOGLUTARIC ACID'
6 non-polymer GLYCEROL
7 water water
#
loop_
_entity_poly.entity_id
_entity_poly.type
_entity_poly.pdbx_seq_one_letter_code
_entity_poly.pdbx_strand_id
1 'polypeptide(L)'
;MAATAAEAVASGSGEPREEAGALGPAWDESQLRSYSFPTRPIPRLSQSDPRAEELIENEEPVVLTDTNLVYPALKWDLEY
LQENIGNGDFSVYSASTHKFLYYDEKKMANFQNFKPRSNREEMKFHEFVEKLQDIQQRGGEERLYLQQTLNDTVGRKIVM
DFLGFNWNWINKQQGKRGWGQLTSNLLLIGMEGNVTPAHYDEQQNFFAQIKGYKRCILFPPDQFECLYPYPVHHPCDRQS
QVDFDNPDYERFPNFQNVVGYETVVGPGDVLYIPMYWWHHIESLLNGGITITVNFWYKGAPTPKRIEYPLKAHQKVAIMR
NIEKMLGEALGNPQEVGPLLNTMIKGRYN
;
A
2 'polypeptide(L)' RSDAAKRLLEASADANIQDN B
#
loop_
_chem_comp.id
_chem_comp.type
_chem_comp.name
_chem_comp.formula
AKG non-polymer '2-OXOGLUTARIC ACID' 'C5 H6 O5'
FE2 non-polymer 'FE (II) ION' 'Fe 2'
GOL non-polymer GLYCEROL 'C3 H8 O3'
SO4 non-polymer 'SULFATE ION' 'O4 S -2'
#
# COMPACT_ATOMS: atom_id res chain seq x y z
N VAL A 9 -20.57 15.67 0.70
CA VAL A 9 -19.39 15.36 1.56
C VAL A 9 -18.32 14.53 0.83
N ALA A 10 -18.03 14.91 -0.41
CA ALA A 10 -17.03 14.21 -1.21
C ALA A 10 -15.91 15.18 -1.63
N SER A 11 -15.31 15.85 -0.65
CA SER A 11 -14.23 16.80 -0.93
C SER A 11 -12.91 16.10 -1.27
N GLY A 12 -12.49 15.19 -0.39
CA GLY A 12 -11.25 14.47 -0.60
C GLY A 12 -10.41 14.57 0.66
N SER A 13 -9.20 15.11 0.55
CA SER A 13 -8.34 15.26 1.70
C SER A 13 -8.68 16.54 2.46
N GLY A 14 -9.67 17.28 1.95
CA GLY A 14 -10.08 18.52 2.59
C GLY A 14 -9.13 19.68 2.37
N GLU A 15 -9.31 20.76 3.12
CA GLU A 15 -8.47 21.95 3.01
C GLU A 15 -7.02 21.70 3.49
N PRO A 16 -6.02 21.92 2.61
CA PRO A 16 -4.61 21.71 2.94
C PRO A 16 -4.21 22.26 4.31
N ARG A 17 -3.70 21.39 5.18
CA ARG A 17 -3.29 21.82 6.51
C ARG A 17 -2.25 22.93 6.48
N GLU A 18 -2.28 23.78 7.51
CA GLU A 18 -1.34 24.88 7.65
C GLU A 18 -0.21 24.48 8.63
N GLU A 19 1.03 24.60 8.16
CA GLU A 19 2.22 24.26 8.96
C GLU A 19 2.45 25.26 10.11
N ALA A 20 2.90 24.75 11.26
CA ALA A 20 3.16 25.58 12.42
C ALA A 20 4.27 26.61 12.16
N GLY A 21 4.06 27.82 12.67
CA GLY A 21 5.02 28.88 12.47
C GLY A 21 4.71 29.66 11.20
N ALA A 22 3.43 29.68 10.83
CA ALA A 22 2.97 30.38 9.63
C ALA A 22 3.82 30.02 8.43
N LEU A 23 4.24 28.76 8.34
CA LEU A 23 5.07 28.33 7.22
C LEU A 23 4.33 28.02 5.91
N GLY A 24 3.09 28.48 5.81
CA GLY A 24 2.31 28.27 4.60
C GLY A 24 1.64 26.91 4.56
N PRO A 25 0.81 26.65 3.53
CA PRO A 25 0.16 25.34 3.46
C PRO A 25 1.22 24.32 3.08
N ALA A 26 1.07 23.12 3.62
CA ALA A 26 2.01 22.03 3.37
C ALA A 26 2.10 21.64 1.89
N TRP A 27 0.99 21.75 1.17
CA TRP A 27 0.90 21.39 -0.26
C TRP A 27 -0.38 21.99 -0.79
N ASP A 28 -0.58 21.96 -2.10
CA ASP A 28 -1.82 22.48 -2.67
C ASP A 28 -2.42 21.55 -3.72
N GLU A 29 -3.72 21.70 -3.96
CA GLU A 29 -4.46 20.89 -4.93
C GLU A 29 -3.71 20.54 -6.19
N SER A 30 -3.05 21.53 -6.80
CA SER A 30 -2.32 21.31 -8.04
C SER A 30 -1.25 20.22 -7.98
N GLN A 31 -1.04 19.62 -6.82
CA GLN A 31 -0.02 18.61 -6.70
C GLN A 31 -0.63 17.23 -6.74
N LEU A 32 -1.95 17.22 -6.62
CA LEU A 32 -2.74 16.00 -6.66
C LEU A 32 -3.12 15.66 -8.10
N ARG A 33 -2.98 14.39 -8.49
CA ARG A 33 -3.37 13.92 -9.83
C ARG A 33 -4.91 13.91 -9.95
N SER A 34 -5.42 13.86 -11.17
CA SER A 34 -6.87 13.87 -11.35
C SER A 34 -7.48 12.52 -11.71
N TYR A 35 -8.58 12.19 -11.02
CA TYR A 35 -9.25 10.90 -11.24
C TYR A 35 -10.76 11.04 -11.44
N SER A 36 -11.35 10.00 -12.03
CA SER A 36 -12.76 9.96 -12.37
C SER A 36 -13.72 9.66 -11.23
N PHE A 37 -13.20 9.45 -10.03
CA PHE A 37 -14.12 9.10 -8.97
C PHE A 37 -14.18 10.06 -7.81
N PRO A 38 -15.28 10.04 -7.07
CA PRO A 38 -15.39 10.95 -5.94
C PRO A 38 -14.74 10.27 -4.76
N THR A 39 -14.41 11.02 -3.71
CA THR A 39 -13.78 10.48 -2.49
C THR A 39 -14.19 11.36 -1.34
N ARG A 40 -14.25 10.80 -0.14
CA ARG A 40 -14.57 11.57 1.04
C ARG A 40 -13.27 11.47 1.90
N PRO A 41 -13.08 12.38 2.87
CA PRO A 41 -11.85 12.32 3.68
C PRO A 41 -11.76 11.29 4.76
N ILE A 42 -10.57 10.73 4.92
CA ILE A 42 -10.31 9.78 6.01
C ILE A 42 -10.11 10.72 7.23
N PRO A 43 -10.68 10.34 8.36
CA PRO A 43 -10.58 11.14 9.60
C PRO A 43 -9.10 11.31 10.05
N ARG A 44 -8.75 12.49 10.59
CA ARG A 44 -7.40 12.75 11.14
C ARG A 44 -7.68 12.94 12.61
N LEU A 45 -7.19 12.04 13.45
CA LEU A 45 -7.47 12.14 14.88
C LEU A 45 -6.28 11.95 15.79
N SER A 46 -6.49 12.23 17.09
CA SER A 46 -5.43 12.03 18.05
C SER A 46 -5.60 10.61 18.48
N GLN A 47 -4.48 9.96 18.65
CA GLN A 47 -4.49 8.58 19.06
C GLN A 47 -5.10 8.46 20.46
N SER A 48 -5.26 9.58 21.17
CA SER A 48 -5.89 9.47 22.50
C SER A 48 -7.41 9.61 22.35
N ASP A 49 -7.84 9.98 21.15
CA ASP A 49 -9.25 10.14 20.82
C ASP A 49 -9.93 8.77 20.75
N PRO A 50 -11.08 8.61 21.41
CA PRO A 50 -11.76 7.31 21.38
C PRO A 50 -12.23 6.96 19.97
N ARG A 51 -12.63 7.96 19.20
CA ARG A 51 -13.09 7.71 17.83
C ARG A 51 -12.05 6.98 17.00
N ALA A 52 -10.77 7.25 17.27
CA ALA A 52 -9.72 6.58 16.52
C ALA A 52 -9.64 5.11 16.91
N GLU A 53 -9.81 4.82 18.20
CA GLU A 53 -9.73 3.45 18.68
C GLU A 53 -10.91 2.65 18.19
N GLU A 54 -12.00 3.36 17.93
CA GLU A 54 -13.23 2.75 17.46
C GLU A 54 -13.02 2.35 15.98
N LEU A 55 -12.38 3.23 15.22
CA LEU A 55 -12.08 2.97 13.83
C LEU A 55 -11.11 1.81 13.67
N ILE A 56 -10.06 1.76 14.51
CA ILE A 56 -9.10 0.67 14.39
C ILE A 56 -9.78 -0.65 14.71
N GLU A 57 -10.63 -0.65 15.74
CA GLU A 57 -11.32 -1.87 16.14
C GLU A 57 -12.31 -2.37 15.07
N ASN A 58 -13.06 -1.44 14.47
CA ASN A 58 -14.04 -1.80 13.46
C ASN A 58 -13.34 -1.87 12.10
N GLU A 59 -12.02 -1.92 12.14
CA GLU A 59 -11.28 -2.02 10.89
C GLU A 59 -11.57 -1.00 9.79
N GLU A 60 -11.53 0.27 10.16
CA GLU A 60 -11.72 1.34 9.19
C GLU A 60 -10.49 2.24 9.26
N PRO A 61 -10.13 2.84 8.12
CA PRO A 61 -8.97 3.70 8.12
C PRO A 61 -9.06 4.93 9.02
N VAL A 62 -7.92 5.44 9.43
CA VAL A 62 -7.87 6.62 10.29
C VAL A 62 -6.45 7.11 10.26
N VAL A 63 -6.24 8.42 10.11
CA VAL A 63 -4.91 8.99 10.16
C VAL A 63 -4.68 9.45 11.64
N LEU A 64 -3.65 8.92 12.31
CA LEU A 64 -3.30 9.28 13.71
C LEU A 64 -2.19 10.33 13.61
N THR A 65 -2.42 11.50 14.17
CA THR A 65 -1.42 12.59 14.04
C THR A 65 -0.30 12.73 15.09
N ASP A 66 -0.49 12.08 16.24
CA ASP A 66 0.44 12.17 17.34
C ASP A 66 0.86 10.88 18.03
N THR A 67 1.09 9.81 17.27
CA THR A 67 1.52 8.54 17.87
C THR A 67 3.00 8.56 18.29
N ASN A 68 3.81 9.34 17.58
CA ASN A 68 5.25 9.41 17.80
C ASN A 68 5.80 8.04 17.42
N LEU A 69 5.06 7.37 16.55
CA LEU A 69 5.45 6.04 16.10
C LEU A 69 6.90 6.00 15.61
N VAL A 70 7.23 6.87 14.66
CA VAL A 70 8.58 6.86 14.14
C VAL A 70 9.24 8.20 14.37
N TYR A 71 9.03 8.70 15.57
CA TYR A 71 9.62 9.97 16.02
C TYR A 71 11.12 10.09 15.60
N PRO A 72 11.96 9.11 15.98
CA PRO A 72 13.39 9.11 15.67
C PRO A 72 13.75 9.18 14.20
N ALA A 73 12.87 8.74 13.31
CA ALA A 73 13.20 8.79 11.88
C ALA A 73 12.82 10.09 11.20
N LEU A 74 12.07 10.95 11.88
CA LEU A 74 11.65 12.20 11.25
C LEU A 74 12.83 13.01 10.75
N LYS A 75 13.99 12.76 11.33
CA LYS A 75 15.22 13.47 10.93
C LYS A 75 15.89 12.82 9.71
N TRP A 76 15.43 11.64 9.31
CA TRP A 76 16.01 10.94 8.17
C TRP A 76 15.86 11.70 6.87
N ASP A 77 16.89 11.63 6.03
CA ASP A 77 16.91 12.23 4.70
C ASP A 77 17.94 11.37 3.95
N LEU A 78 18.08 11.53 2.64
CA LEU A 78 19.04 10.70 1.92
C LEU A 78 20.45 10.77 2.49
N GLU A 79 20.94 11.99 2.73
CA GLU A 79 22.28 12.19 3.27
C GLU A 79 22.56 11.36 4.52
N TYR A 80 21.69 11.51 5.52
CA TYR A 80 21.79 10.77 6.78
C TYR A 80 21.70 9.27 6.58
N LEU A 81 20.81 8.85 5.69
CA LEU A 81 20.63 7.43 5.46
C LEU A 81 21.86 6.85 4.78
N GLN A 82 22.31 7.49 3.70
CA GLN A 82 23.50 7.04 2.99
C GLN A 82 24.58 6.82 4.04
N GLU A 83 24.61 7.71 5.03
CA GLU A 83 25.61 7.66 6.10
C GLU A 83 25.56 6.45 7.00
N ASN A 84 24.44 6.22 7.67
CA ASN A 84 24.35 5.13 8.61
C ASN A 84 23.45 3.94 8.32
N ILE A 85 22.83 3.88 7.15
CA ILE A 85 21.91 2.78 6.92
C ILE A 85 22.56 1.42 6.72
N GLY A 86 23.88 1.41 6.54
CA GLY A 86 24.56 0.14 6.38
C GLY A 86 25.09 -0.16 5.00
N ASN A 87 25.62 -1.37 4.85
CA ASN A 87 26.20 -1.78 3.60
C ASN A 87 25.33 -2.73 2.75
N GLY A 88 24.24 -3.24 3.34
CA GLY A 88 23.36 -4.16 2.62
C GLY A 88 22.90 -3.76 1.23
N ASP A 89 22.18 -4.68 0.58
CA ASP A 89 21.64 -4.41 -0.75
C ASP A 89 20.20 -3.91 -0.60
N PHE A 90 19.83 -2.95 -1.45
CA PHE A 90 18.49 -2.38 -1.43
C PHE A 90 17.76 -2.60 -2.73
N SER A 91 16.55 -3.15 -2.66
CA SER A 91 15.76 -3.39 -3.87
C SER A 91 15.34 -2.01 -4.43
N VAL A 92 15.47 -1.80 -5.74
CA VAL A 92 15.11 -0.52 -6.34
C VAL A 92 14.44 -0.71 -7.69
N TYR A 93 13.16 -0.32 -7.75
CA TYR A 93 12.39 -0.47 -8.98
C TYR A 93 12.57 0.73 -9.88
N SER A 94 12.63 0.47 -11.18
CA SER A 94 12.79 1.53 -12.17
C SER A 94 11.63 1.44 -13.15
N ALA A 95 11.17 2.58 -13.67
CA ALA A 95 10.06 2.58 -14.61
C ALA A 95 10.05 3.84 -15.47
N SER A 96 9.51 3.74 -16.68
CA SER A 96 9.46 4.88 -17.59
C SER A 96 8.14 5.64 -17.45
N THR A 97 7.33 5.23 -16.48
CA THR A 97 6.03 5.85 -16.22
C THR A 97 5.98 6.14 -14.73
N HIS A 98 5.02 6.95 -14.29
CA HIS A 98 4.91 7.27 -12.87
C HIS A 98 4.30 6.13 -12.08
N LYS A 99 3.68 5.18 -12.78
CA LYS A 99 3.02 4.03 -12.17
C LYS A 99 3.90 2.85 -11.86
N PHE A 100 4.04 2.51 -10.58
CA PHE A 100 4.84 1.37 -10.22
C PHE A 100 4.00 0.13 -9.90
N LEU A 101 3.47 -0.52 -10.94
CA LEU A 101 2.68 -1.72 -10.71
C LEU A 101 3.58 -2.85 -10.19
N TYR A 102 3.19 -3.38 -9.02
CA TYR A 102 3.89 -4.49 -8.38
C TYR A 102 3.52 -5.82 -9.05
N TYR A 103 4.54 -6.65 -9.26
CA TYR A 103 4.35 -7.97 -9.84
C TYR A 103 5.19 -9.01 -9.10
N ASP A 104 4.57 -10.13 -8.72
CA ASP A 104 5.21 -11.23 -8.00
C ASP A 104 6.01 -12.02 -9.04
N GLU A 105 7.33 -12.04 -8.88
CA GLU A 105 8.17 -12.73 -9.86
C GLU A 105 7.98 -14.26 -9.83
N LYS A 106 7.72 -14.82 -8.66
CA LYS A 106 7.50 -16.26 -8.56
C LYS A 106 6.37 -16.67 -9.50
N LYS A 107 5.41 -15.77 -9.70
CA LYS A 107 4.28 -16.07 -10.56
C LYS A 107 4.52 -15.75 -12.02
N MET A 108 5.70 -15.25 -12.37
CA MET A 108 5.95 -14.90 -13.77
C MET A 108 6.01 -16.10 -14.70
N ALA A 109 6.09 -17.29 -14.12
CA ALA A 109 6.12 -18.52 -14.91
C ALA A 109 4.74 -18.72 -15.57
N ASN A 110 3.69 -18.73 -14.74
CA ASN A 110 2.31 -18.90 -15.19
C ASN A 110 1.82 -17.96 -16.31
N PHE A 111 2.46 -16.80 -16.45
CA PHE A 111 2.05 -15.87 -17.50
C PHE A 111 3.28 -15.30 -18.22
N GLN A 112 3.53 -15.82 -19.43
CA GLN A 112 4.67 -15.42 -20.24
C GLN A 112 4.40 -14.16 -21.09
N ASN A 113 3.14 -13.95 -21.45
CA ASN A 113 2.73 -12.80 -22.24
C ASN A 113 2.76 -11.52 -21.41
N PHE A 114 3.23 -11.64 -20.17
CA PHE A 114 3.31 -10.50 -19.26
C PHE A 114 4.67 -9.84 -19.36
N LYS A 115 4.66 -8.56 -19.73
CA LYS A 115 5.90 -7.82 -19.84
C LYS A 115 5.95 -6.77 -18.73
N PRO A 116 6.81 -6.97 -17.72
CA PRO A 116 6.95 -6.03 -16.59
C PRO A 116 7.10 -4.57 -17.03
N ARG A 117 6.41 -3.67 -16.34
CA ARG A 117 6.49 -2.25 -16.67
C ARG A 117 7.58 -1.58 -15.84
N SER A 118 8.08 -2.29 -14.83
CA SER A 118 9.13 -1.79 -13.96
C SER A 118 10.05 -2.94 -13.57
N ASN A 119 11.36 -2.73 -13.67
CA ASN A 119 12.34 -3.77 -13.33
C ASN A 119 13.07 -3.48 -12.01
N ARG A 120 13.13 -4.50 -11.16
CA ARG A 120 13.79 -4.40 -9.88
C ARG A 120 15.29 -4.57 -10.05
N GLU A 121 16.05 -4.10 -9.07
CA GLU A 121 17.51 -4.20 -9.09
C GLU A 121 18.09 -4.01 -7.69
N GLU A 122 19.23 -4.60 -7.44
CA GLU A 122 19.86 -4.45 -6.15
C GLU A 122 20.96 -3.41 -6.28
N MET A 123 21.26 -2.75 -5.16
CA MET A 123 22.32 -1.76 -5.12
C MET A 123 22.57 -1.29 -3.71
N LYS A 124 23.68 -0.60 -3.51
CA LYS A 124 24.01 -0.08 -2.20
C LYS A 124 23.31 1.26 -2.13
N PHE A 125 22.94 1.64 -0.92
CA PHE A 125 22.25 2.89 -0.71
C PHE A 125 22.94 4.01 -1.49
N HIS A 126 24.24 4.18 -1.27
CA HIS A 126 25.01 5.23 -1.95
C HIS A 126 24.80 5.22 -3.47
N GLU A 127 24.62 4.02 -4.03
CA GLU A 127 24.39 3.85 -5.46
C GLU A 127 23.02 4.33 -5.89
N PHE A 128 22.03 4.05 -5.03
CA PHE A 128 20.67 4.48 -5.27
C PHE A 128 20.65 6.02 -5.25
N VAL A 129 21.22 6.58 -4.18
CA VAL A 129 21.30 8.03 -3.99
C VAL A 129 21.97 8.67 -5.18
N GLU A 130 22.92 7.93 -5.74
CA GLU A 130 23.69 8.39 -6.90
C GLU A 130 22.89 8.33 -8.19
N LYS A 131 22.26 7.17 -8.45
CA LYS A 131 21.45 7.01 -9.65
C LYS A 131 20.35 8.03 -9.60
N LEU A 132 19.97 8.40 -8.37
CA LEU A 132 18.92 9.38 -8.15
C LEU A 132 19.40 10.78 -8.51
N GLN A 133 20.57 11.16 -7.99
CA GLN A 133 21.16 12.46 -8.27
C GLN A 133 21.44 12.54 -9.76
N ASP A 134 21.96 11.44 -10.32
CA ASP A 134 22.28 11.37 -11.74
C ASP A 134 21.09 11.79 -12.62
N ILE A 135 19.94 11.15 -12.41
CA ILE A 135 18.74 11.46 -13.17
C ILE A 135 18.31 12.91 -12.93
N GLN A 136 18.21 13.27 -11.66
CA GLN A 136 17.80 14.61 -11.27
C GLN A 136 18.44 15.71 -12.11
N GLN A 137 19.76 15.68 -12.26
CA GLN A 137 20.42 16.72 -13.02
C GLN A 137 20.27 16.54 -14.52
N ARG A 138 20.67 15.37 -15.02
CA ARG A 138 20.59 15.11 -16.45
C ARG A 138 19.17 15.29 -17.00
N GLY A 139 18.26 15.82 -16.18
CA GLY A 139 16.88 16.02 -16.60
C GLY A 139 16.17 14.77 -17.11
N GLY A 140 16.43 13.64 -16.45
CA GLY A 140 15.81 12.39 -16.86
C GLY A 140 14.35 12.18 -16.53
N GLU A 141 13.73 11.21 -17.20
CA GLU A 141 12.33 10.87 -17.00
C GLU A 141 12.25 9.52 -16.29
N GLU A 142 13.36 8.79 -16.25
CA GLU A 142 13.36 7.51 -15.58
C GLU A 142 12.89 7.75 -14.16
N ARG A 143 12.27 6.75 -13.57
CA ARG A 143 11.73 6.85 -12.22
C ARG A 143 12.32 5.77 -11.36
N LEU A 144 12.44 6.03 -10.06
CA LEU A 144 12.98 5.06 -9.15
C LEU A 144 12.17 5.00 -7.88
N TYR A 145 12.12 3.82 -7.27
CA TYR A 145 11.39 3.66 -6.03
C TYR A 145 12.14 2.61 -5.23
N LEU A 146 12.73 2.99 -4.11
CA LEU A 146 13.44 2.01 -3.31
C LEU A 146 12.43 1.44 -2.31
N GLN A 147 12.33 0.12 -2.25
CA GLN A 147 11.42 -0.56 -1.35
C GLN A 147 12.21 -1.72 -0.79
N GLN A 148 12.51 -1.64 0.49
CA GLN A 148 13.35 -2.63 1.13
C GLN A 148 12.99 -2.92 2.57
N THR A 149 12.81 -4.19 2.91
CA THR A 149 12.50 -4.56 4.30
C THR A 149 13.74 -4.18 5.15
N LEU A 150 13.51 -3.63 6.34
CA LEU A 150 14.61 -3.27 7.23
C LEU A 150 15.08 -4.54 7.93
N ASN A 151 16.40 -4.78 7.89
CA ASN A 151 17.02 -5.98 8.49
C ASN A 151 18.28 -5.70 9.30
N ASP A 152 18.98 -6.78 9.65
CA ASP A 152 20.21 -6.75 10.44
C ASP A 152 21.29 -5.87 9.85
N THR A 153 21.48 -5.94 8.54
CA THR A 153 22.53 -5.18 7.91
C THR A 153 22.54 -3.64 8.11
N VAL A 154 21.62 -3.10 8.91
CA VAL A 154 21.59 -1.64 9.10
C VAL A 154 22.54 -1.12 10.15
N GLY A 155 22.99 0.12 9.96
CA GLY A 155 23.90 0.77 10.88
C GLY A 155 23.37 0.90 12.28
N ARG A 156 24.28 1.11 13.24
CA ARG A 156 23.88 1.25 14.64
C ARG A 156 23.08 2.52 14.89
N LYS A 157 23.40 3.60 14.16
CA LYS A 157 22.66 4.83 14.33
C LYS A 157 21.20 4.49 13.99
N ILE A 158 21.01 3.86 12.81
CA ILE A 158 19.70 3.45 12.33
C ILE A 158 19.02 2.47 13.30
N VAL A 159 19.79 1.57 13.88
CA VAL A 159 19.24 0.60 14.83
C VAL A 159 18.78 1.33 16.10
N MET A 160 19.46 2.42 16.43
CA MET A 160 19.11 3.22 17.61
C MET A 160 17.81 3.96 17.32
N ASP A 161 17.68 4.50 16.11
CA ASP A 161 16.44 5.18 15.74
C ASP A 161 15.31 4.15 15.84
N PHE A 162 15.57 2.98 15.26
CA PHE A 162 14.59 1.91 15.24
C PHE A 162 14.08 1.54 16.60
N LEU A 163 14.98 1.47 17.57
CA LEU A 163 14.62 1.11 18.93
C LEU A 163 13.83 2.28 19.53
N GLY A 164 14.09 3.46 19.00
CA GLY A 164 13.38 4.63 19.44
C GLY A 164 11.91 4.74 18.99
N PHE A 165 11.45 3.88 18.06
CA PHE A 165 10.06 3.93 17.62
C PHE A 165 9.15 3.69 18.83
N ASN A 166 7.91 4.19 18.78
CA ASN A 166 7.01 4.03 19.92
C ASN A 166 6.41 2.62 20.03
N TRP A 167 7.28 1.66 20.38
CA TRP A 167 6.85 0.26 20.51
C TRP A 167 5.78 0.09 21.55
N ASN A 168 5.83 0.89 22.59
CA ASN A 168 4.81 0.78 23.65
C ASN A 168 3.39 0.92 23.06
N TRP A 169 3.23 1.88 22.15
CA TRP A 169 1.91 2.14 21.56
C TRP A 169 1.48 1.07 20.54
N ILE A 170 2.35 0.82 19.56
CA ILE A 170 1.99 -0.13 18.54
C ILE A 170 1.79 -1.52 19.11
N ASN A 171 2.69 -1.94 20.00
CA ASN A 171 2.58 -3.27 20.62
C ASN A 171 1.23 -3.40 21.32
N LYS A 172 0.74 -2.32 21.90
CA LYS A 172 -0.53 -2.40 22.57
C LYS A 172 -1.65 -2.48 21.52
N GLN A 173 -1.41 -1.89 20.34
CA GLN A 173 -2.39 -1.93 19.27
C GLN A 173 -2.52 -3.40 18.81
N GLN A 174 -1.38 -4.02 18.55
CA GLN A 174 -1.32 -5.43 18.15
C GLN A 174 -2.07 -6.29 19.18
N GLY A 175 -1.82 -6.02 20.46
CA GLY A 175 -2.46 -6.76 21.52
C GLY A 175 -3.96 -6.55 21.54
N LYS A 176 -4.38 -5.29 21.48
CA LYS A 176 -5.82 -4.99 21.50
C LYS A 176 -6.59 -5.62 20.35
N ARG A 177 -6.01 -5.65 19.15
CA ARG A 177 -6.71 -6.21 18.01
C ARG A 177 -6.49 -7.72 17.80
N GLY A 178 -5.79 -8.36 18.72
CA GLY A 178 -5.54 -9.79 18.59
C GLY A 178 -4.72 -10.12 17.36
N TRP A 179 -4.13 -9.11 16.74
CA TRP A 179 -3.32 -9.36 15.56
C TRP A 179 -2.23 -10.36 15.80
N GLY A 180 -1.70 -10.86 14.71
CA GLY A 180 -0.62 -11.82 14.76
C GLY A 180 0.68 -11.07 14.93
N GLN A 181 1.76 -11.60 14.37
CA GLN A 181 3.07 -10.98 14.52
C GLN A 181 3.45 -9.94 13.49
N LEU A 182 4.31 -9.01 13.88
CA LEU A 182 4.80 -8.00 12.96
C LEU A 182 5.63 -8.81 11.96
N THR A 183 5.27 -8.78 10.68
CA THR A 183 6.04 -9.55 9.74
C THR A 183 7.18 -8.74 9.15
N SER A 184 7.04 -7.42 9.06
CA SER A 184 8.13 -6.64 8.49
C SER A 184 7.91 -5.14 8.54
N ASN A 185 8.91 -4.40 8.11
CA ASN A 185 8.84 -2.95 8.06
C ASN A 185 9.41 -2.63 6.72
N LEU A 186 8.60 -2.07 5.84
CA LEU A 186 9.11 -1.75 4.53
C LEU A 186 9.54 -0.27 4.49
N LEU A 187 10.77 -0.03 4.06
CA LEU A 187 11.27 1.32 3.97
C LEU A 187 10.98 1.69 2.52
N LEU A 188 10.32 2.82 2.31
CA LEU A 188 9.99 3.21 0.95
C LEU A 188 10.49 4.61 0.68
N ILE A 189 11.33 4.75 -0.34
CA ILE A 189 11.81 6.08 -0.66
C ILE A 189 11.52 6.23 -2.12
N GLY A 190 10.82 7.30 -2.49
CA GLY A 190 10.47 7.48 -3.88
C GLY A 190 10.50 8.90 -4.39
N MET A 191 10.52 9.01 -5.71
CA MET A 191 10.52 10.31 -6.31
C MET A 191 9.11 10.88 -6.33
N GLU A 192 9.00 12.21 -6.23
CA GLU A 192 7.73 12.91 -6.28
C GLU A 192 6.98 12.44 -7.55
N GLY A 193 5.65 12.42 -7.50
CA GLY A 193 4.87 12.01 -8.66
C GLY A 193 4.78 10.49 -8.83
N ASN A 194 5.66 9.75 -8.16
CA ASN A 194 5.65 8.30 -8.22
C ASN A 194 4.27 7.85 -7.74
N VAL A 195 3.77 6.76 -8.34
CA VAL A 195 2.48 6.19 -7.99
C VAL A 195 2.51 4.68 -7.78
N THR A 196 1.89 4.21 -6.70
CA THR A 196 1.77 2.78 -6.44
C THR A 196 0.26 2.55 -6.69
N PRO A 197 -0.09 1.93 -7.84
CA PRO A 197 -1.47 1.65 -8.27
C PRO A 197 -2.24 0.86 -7.21
N ALA A 198 -3.56 1.08 -7.21
CA ALA A 198 -4.46 0.44 -6.27
C ALA A 198 -4.32 -1.08 -6.14
N HIS A 199 -4.23 -1.55 -4.89
CA HIS A 199 -4.11 -2.96 -4.61
C HIS A 199 -4.48 -3.14 -3.17
N TYR A 200 -4.55 -4.40 -2.73
CA TYR A 200 -4.87 -4.65 -1.33
C TYR A 200 -3.84 -5.67 -0.80
N ASP A 201 -3.62 -5.65 0.52
CA ASP A 201 -2.63 -6.53 1.13
C ASP A 201 -3.37 -7.41 2.09
N GLU A 202 -2.83 -8.60 2.31
CA GLU A 202 -3.46 -9.53 3.23
C GLU A 202 -2.97 -9.34 4.66
N GLN A 203 -2.62 -8.12 5.04
CA GLN A 203 -2.18 -7.90 6.41
C GLN A 203 -2.61 -6.53 6.91
N GLN A 204 -2.56 -6.36 8.22
CA GLN A 204 -2.89 -5.10 8.85
C GLN A 204 -1.66 -4.19 8.68
N ASN A 205 -1.88 -2.91 8.41
CA ASN A 205 -0.74 -2.02 8.15
C ASN A 205 -0.85 -0.66 8.85
N PHE A 206 0.21 -0.29 9.59
CA PHE A 206 0.26 1.04 10.18
C PHE A 206 1.33 1.61 9.30
N PHE A 207 0.91 2.60 8.50
CA PHE A 207 1.70 3.28 7.48
C PHE A 207 2.24 4.62 8.04
N ALA A 208 3.53 4.64 8.38
CA ALA A 208 4.21 5.80 8.98
C ALA A 208 4.99 6.72 8.03
N GLN A 209 4.45 7.93 7.82
CA GLN A 209 5.07 8.88 6.92
C GLN A 209 6.20 9.59 7.68
N ILE A 210 7.32 9.77 6.96
CA ILE A 210 8.54 10.34 7.52
C ILE A 210 8.99 11.62 6.86
N LYS A 211 9.06 11.60 5.54
CA LYS A 211 9.51 12.76 4.79
C LYS A 211 8.69 12.84 3.53
N GLY A 212 8.27 14.08 3.20
CA GLY A 212 7.46 14.31 2.03
C GLY A 212 5.99 14.06 2.33
N TYR A 213 5.16 14.24 1.32
CA TYR A 213 3.72 13.99 1.50
C TYR A 213 3.27 12.94 0.51
N LYS A 214 2.31 12.13 0.95
CA LYS A 214 1.70 11.09 0.13
C LYS A 214 0.17 11.16 0.23
N ARG A 215 -0.46 11.16 -0.94
CA ARG A 215 -1.92 11.19 -1.02
C ARG A 215 -2.29 9.71 -1.08
N CYS A 216 -3.14 9.31 -0.14
CA CYS A 216 -3.57 7.93 0.01
C CYS A 216 -5.06 7.80 -0.30
N ILE A 217 -5.41 6.99 -1.31
CA ILE A 217 -6.82 6.75 -1.66
C ILE A 217 -7.14 5.28 -1.38
N LEU A 218 -8.04 5.07 -0.43
CA LEU A 218 -8.47 3.75 -0.02
C LEU A 218 -9.92 3.40 -0.45
N PHE A 219 -10.16 2.12 -0.77
CA PHE A 219 -11.52 1.68 -1.13
C PHE A 219 -11.79 0.49 -0.21
N PRO A 220 -13.00 0.39 0.37
CA PRO A 220 -13.24 -0.75 1.25
C PRO A 220 -13.32 -2.10 0.52
N PRO A 221 -13.20 -3.20 1.26
CA PRO A 221 -13.25 -4.55 0.68
C PRO A 221 -14.48 -4.78 -0.21
N ASP A 222 -15.63 -4.19 0.17
CA ASP A 222 -16.87 -4.37 -0.58
C ASP A 222 -16.94 -3.72 -1.95
N GLN A 223 -15.84 -3.18 -2.43
CA GLN A 223 -15.80 -2.58 -3.76
C GLN A 223 -14.99 -3.49 -4.67
N PHE A 224 -14.81 -4.74 -4.22
CA PHE A 224 -14.12 -5.76 -5.01
C PHE A 224 -14.67 -5.75 -6.48
N GLU A 225 -16.00 -5.75 -6.60
CA GLU A 225 -16.69 -5.71 -7.90
C GLU A 225 -16.36 -4.52 -8.78
N CYS A 226 -15.94 -3.37 -8.20
CA CYS A 226 -15.61 -2.19 -9.01
C CYS A 226 -14.14 -2.05 -9.33
N LEU A 227 -13.30 -2.78 -8.60
CA LEU A 227 -11.86 -2.64 -8.81
C LEU A 227 -11.16 -3.70 -9.65
N TYR A 228 -11.83 -4.84 -9.87
CA TYR A 228 -11.32 -5.84 -10.79
C TYR A 228 -9.90 -6.33 -10.65
N PRO A 229 -9.59 -6.95 -9.50
CA PRO A 229 -8.23 -7.46 -9.32
C PRO A 229 -7.85 -8.48 -10.42
N TYR A 230 -6.57 -8.62 -10.69
CA TYR A 230 -6.08 -9.60 -11.64
C TYR A 230 -6.37 -11.02 -11.06
N PRO A 231 -6.30 -12.07 -11.92
CA PRO A 231 -6.55 -13.42 -11.39
C PRO A 231 -5.49 -13.75 -10.32
N VAL A 232 -5.86 -14.51 -9.29
CA VAL A 232 -4.93 -14.86 -8.24
C VAL A 232 -3.56 -15.40 -8.69
N HIS A 233 -3.52 -16.17 -9.78
CA HIS A 233 -2.27 -16.74 -10.29
C HIS A 233 -1.51 -15.79 -11.19
N HIS A 234 -2.07 -14.62 -11.47
CA HIS A 234 -1.32 -13.67 -12.30
C HIS A 234 -0.28 -12.94 -11.44
N PRO A 235 0.79 -12.47 -12.06
CA PRO A 235 1.81 -11.76 -11.29
C PRO A 235 1.27 -10.52 -10.54
N CYS A 236 0.29 -9.85 -11.13
CA CYS A 236 -0.26 -8.69 -10.47
C CYS A 236 -1.43 -9.03 -9.56
N ASP A 237 -1.43 -10.27 -9.07
CA ASP A 237 -2.44 -10.73 -8.09
C ASP A 237 -2.59 -9.65 -6.99
N ARG A 238 -3.84 -9.32 -6.66
CA ARG A 238 -4.17 -8.31 -5.64
C ARG A 238 -4.11 -6.87 -6.15
N GLN A 239 -3.56 -6.63 -7.33
CA GLN A 239 -3.53 -5.27 -7.88
C GLN A 239 -4.82 -5.12 -8.74
N SER A 240 -5.32 -3.89 -8.87
CA SER A 240 -6.47 -3.60 -9.68
C SER A 240 -6.05 -3.57 -11.14
N GLN A 241 -6.89 -4.10 -12.03
CA GLN A 241 -6.59 -4.12 -13.47
C GLN A 241 -6.92 -2.77 -14.10
N VAL A 242 -7.69 -1.95 -13.41
CA VAL A 242 -8.10 -0.69 -13.99
C VAL A 242 -7.04 0.37 -13.98
N ASP A 243 -6.72 0.93 -15.13
CA ASP A 243 -5.76 2.03 -15.21
C ASP A 243 -6.50 3.30 -14.71
N PHE A 244 -6.17 3.78 -13.51
CA PHE A 244 -6.83 4.98 -12.98
C PHE A 244 -6.72 6.23 -13.87
N ASP A 245 -5.67 6.29 -14.68
CA ASP A 245 -5.46 7.41 -15.59
C ASP A 245 -6.28 7.33 -16.86
N ASN A 246 -6.66 6.13 -17.30
CA ASN A 246 -7.50 5.98 -18.50
C ASN A 246 -8.36 4.73 -18.32
N PRO A 247 -9.36 4.81 -17.44
CA PRO A 247 -10.23 3.67 -17.18
C PRO A 247 -11.07 3.15 -18.34
N ASP A 248 -10.97 1.84 -18.57
CA ASP A 248 -11.71 1.21 -19.65
C ASP A 248 -13.07 0.78 -19.09
N TYR A 249 -14.07 1.63 -19.27
CA TYR A 249 -15.40 1.33 -18.76
C TYR A 249 -16.12 0.20 -19.47
N GLU A 250 -15.65 -0.15 -20.67
CA GLU A 250 -16.26 -1.25 -21.38
C GLU A 250 -15.89 -2.54 -20.64
N ARG A 251 -14.60 -2.73 -20.36
CA ARG A 251 -14.15 -3.93 -19.64
C ARG A 251 -14.45 -3.88 -18.16
N PHE A 252 -14.40 -2.68 -17.58
CA PHE A 252 -14.59 -2.55 -16.14
C PHE A 252 -15.75 -1.63 -15.80
N PRO A 253 -16.95 -1.95 -16.29
CA PRO A 253 -18.10 -1.08 -16.02
C PRO A 253 -18.28 -0.56 -14.60
N ASN A 254 -18.23 -1.44 -13.60
CA ASN A 254 -18.46 -0.97 -12.25
C ASN A 254 -17.45 -0.04 -11.63
N PHE A 255 -16.39 0.31 -12.35
CA PHE A 255 -15.42 1.24 -11.83
C PHE A 255 -16.09 2.62 -11.82
N GLN A 256 -17.26 2.71 -12.43
CA GLN A 256 -17.99 3.97 -12.49
C GLN A 256 -18.79 4.15 -11.24
N ASN A 257 -18.74 3.16 -10.37
CA ASN A 257 -19.48 3.24 -9.13
C ASN A 257 -18.49 3.29 -7.97
N VAL A 258 -17.19 3.43 -8.28
CA VAL A 258 -16.25 3.42 -7.17
C VAL A 258 -16.19 4.75 -6.40
N VAL A 259 -16.01 4.63 -5.10
CA VAL A 259 -15.92 5.78 -4.21
C VAL A 259 -14.77 5.57 -3.22
N GLY A 260 -13.81 6.48 -3.21
CA GLY A 260 -12.72 6.28 -2.28
C GLY A 260 -12.68 7.15 -1.03
N TYR A 261 -11.86 6.72 -0.07
CA TYR A 261 -11.62 7.47 1.16
C TYR A 261 -10.22 7.99 0.93
N GLU A 262 -10.04 9.30 1.03
CA GLU A 262 -8.76 9.88 0.76
C GLU A 262 -8.17 10.76 1.86
N THR A 263 -6.87 10.95 1.74
CA THR A 263 -6.11 11.75 2.67
C THR A 263 -4.69 12.03 2.19
N VAL A 264 -4.07 13.04 2.79
CA VAL A 264 -2.69 13.31 2.45
C VAL A 264 -1.92 13.20 3.75
N VAL A 265 -0.92 12.31 3.78
CA VAL A 265 -0.13 12.16 5.00
C VAL A 265 1.20 12.86 4.88
N GLY A 266 1.67 13.33 6.04
CA GLY A 266 2.94 14.00 6.12
C GLY A 266 3.78 13.51 7.30
N PRO A 267 5.02 14.03 7.42
CA PRO A 267 5.97 13.68 8.48
C PRO A 267 5.23 13.61 9.79
N GLY A 268 5.24 12.44 10.44
CA GLY A 268 4.55 12.36 11.72
C GLY A 268 3.19 11.69 11.73
N ASP A 269 2.57 11.59 10.54
CA ASP A 269 1.26 10.95 10.45
C ASP A 269 1.41 9.45 10.30
N VAL A 270 0.44 8.75 10.86
CA VAL A 270 0.37 7.31 10.75
C VAL A 270 -1.05 6.95 10.26
N LEU A 271 -1.10 6.36 9.07
CA LEU A 271 -2.32 5.93 8.43
C LEU A 271 -2.57 4.46 8.67
N TYR A 272 -3.65 4.15 9.37
CA TYR A 272 -4.02 2.77 9.55
C TYR A 272 -4.71 2.29 8.24
N ILE A 273 -4.09 1.35 7.53
CA ILE A 273 -4.66 0.75 6.32
C ILE A 273 -5.14 -0.66 6.76
N PRO A 274 -6.46 -0.83 6.99
CA PRO A 274 -6.97 -2.15 7.44
C PRO A 274 -6.74 -3.22 6.36
N MET A 275 -6.55 -4.46 6.81
CA MET A 275 -6.29 -5.62 5.95
C MET A 275 -7.43 -5.71 4.92
N TYR A 276 -7.06 -5.96 3.65
CA TYR A 276 -8.01 -6.10 2.53
C TYR A 276 -8.45 -4.78 1.89
N TRP A 277 -8.22 -3.66 2.58
CA TRP A 277 -8.61 -2.36 2.00
C TRP A 277 -7.73 -1.97 0.84
N TRP A 278 -8.35 -1.62 -0.26
CA TRP A 278 -7.59 -1.21 -1.42
C TRP A 278 -6.96 0.11 -1.08
N HIS A 279 -5.78 0.36 -1.65
CA HIS A 279 -5.12 1.62 -1.48
C HIS A 279 -4.26 1.93 -2.67
N HIS A 280 -4.36 3.19 -3.09
CA HIS A 280 -3.63 3.77 -4.20
C HIS A 280 -2.83 4.85 -3.48
N ILE A 281 -1.52 4.89 -3.71
CA ILE A 281 -0.68 5.85 -3.01
C ILE A 281 0.20 6.61 -3.97
N GLU A 282 0.23 7.93 -3.81
CA GLU A 282 1.06 8.74 -4.68
C GLU A 282 1.85 9.84 -3.95
N SER A 283 3.06 10.05 -4.41
CA SER A 283 3.89 11.08 -3.82
C SER A 283 3.53 12.36 -4.57
N LEU A 284 3.26 13.44 -3.85
CA LEU A 284 2.84 14.65 -4.53
C LEU A 284 3.83 15.07 -5.61
N LEU A 285 3.29 15.61 -6.68
CA LEU A 285 4.07 16.10 -7.79
C LEU A 285 4.81 17.34 -7.25
N ASN A 286 6.09 17.44 -7.58
CA ASN A 286 6.91 18.56 -7.15
C ASN A 286 6.95 18.70 -5.62
N GLY A 287 6.80 17.56 -4.95
CA GLY A 287 6.83 17.54 -3.50
C GLY A 287 8.17 17.05 -3.00
N GLY A 288 9.05 16.71 -3.93
CA GLY A 288 10.36 16.21 -3.55
C GLY A 288 10.25 14.76 -3.16
N ILE A 289 11.36 14.12 -2.80
CA ILE A 289 11.31 12.72 -2.42
C ILE A 289 10.44 12.47 -1.19
N THR A 290 9.98 11.23 -1.04
CA THR A 290 9.13 10.87 0.11
C THR A 290 9.71 9.68 0.84
N ILE A 291 9.47 9.61 2.14
CA ILE A 291 9.96 8.49 2.89
C ILE A 291 8.85 8.05 3.82
N THR A 292 8.67 6.73 3.91
CA THR A 292 7.65 6.13 4.73
C THR A 292 8.22 4.80 5.23
N VAL A 293 7.76 4.37 6.40
CA VAL A 293 8.14 3.08 6.90
C VAL A 293 6.80 2.43 7.28
N ASN A 294 6.48 1.24 6.77
CA ASN A 294 5.22 0.66 7.20
C ASN A 294 5.49 -0.47 8.17
N PHE A 295 4.45 -0.87 8.89
CA PHE A 295 4.52 -1.94 9.87
C PHE A 295 3.42 -2.95 9.50
N TRP A 296 3.83 -4.11 8.97
CA TRP A 296 2.84 -5.11 8.57
C TRP A 296 2.66 -6.19 9.62
N TYR A 297 1.42 -6.38 10.11
CA TYR A 297 1.06 -7.39 11.10
C TYR A 297 0.08 -8.43 10.52
N LYS A 298 0.31 -9.73 10.78
CA LYS A 298 -0.62 -10.77 10.32
C LYS A 298 -1.92 -10.43 11.01
N GLY A 299 -3.04 -10.59 10.32
CA GLY A 299 -4.28 -10.27 10.97
C GLY A 299 -4.67 -11.31 11.99
N ALA A 300 -5.67 -11.00 12.80
CA ALA A 300 -6.19 -11.95 13.80
C ALA A 300 -6.65 -13.22 13.07
N PRO A 301 -6.86 -14.31 13.82
CA PRO A 301 -7.31 -15.58 13.24
C PRO A 301 -8.81 -15.58 13.03
N THR A 302 -9.29 -16.46 12.16
CA THR A 302 -10.72 -16.58 11.89
C THR A 302 -11.42 -16.94 13.19
N PRO A 303 -12.51 -16.22 13.52
CA PRO A 303 -13.26 -16.48 14.75
C PRO A 303 -13.66 -17.93 14.90
N LYS A 304 -13.89 -18.38 16.14
CA LYS A 304 -14.28 -19.76 16.39
C LYS A 304 -15.59 -20.03 15.65
N ARG A 305 -16.55 -19.13 15.84
CA ARG A 305 -17.84 -19.26 15.21
C ARG A 305 -18.06 -18.17 14.16
N ILE A 306 -18.39 -18.61 12.95
CA ILE A 306 -18.64 -17.68 11.87
C ILE A 306 -20.04 -17.10 11.99
N GLU A 307 -20.16 -15.80 11.83
CA GLU A 307 -21.46 -15.16 11.91
C GLU A 307 -21.94 -14.87 10.49
N TYR A 308 -23.23 -15.03 10.25
CA TYR A 308 -23.78 -14.79 8.92
C TYR A 308 -24.74 -13.63 8.91
N PRO A 309 -24.80 -12.90 7.78
CA PRO A 309 -23.98 -13.18 6.60
C PRO A 309 -22.52 -12.75 6.79
N LEU A 310 -21.68 -13.19 5.86
CA LEU A 310 -20.25 -12.92 5.91
C LEU A 310 -19.88 -11.47 5.61
N LYS A 311 -18.75 -11.02 6.14
CA LYS A 311 -18.28 -9.66 5.88
C LYS A 311 -17.65 -9.69 4.49
N ALA A 312 -17.52 -8.52 3.88
CA ALA A 312 -16.92 -8.43 2.55
C ALA A 312 -15.55 -9.08 2.51
N HIS A 313 -14.66 -8.80 3.48
CA HIS A 313 -13.33 -9.37 3.40
C HIS A 313 -13.31 -10.89 3.48
N GLN A 314 -14.33 -11.47 4.10
CA GLN A 314 -14.38 -12.94 4.16
C GLN A 314 -14.73 -13.54 2.78
N LYS A 315 -15.65 -12.89 2.07
CA LYS A 315 -15.99 -13.32 0.73
C LYS A 315 -14.75 -13.16 -0.18
N VAL A 316 -13.92 -12.17 0.10
CA VAL A 316 -12.73 -12.05 -0.71
C VAL A 316 -11.78 -13.22 -0.44
N ALA A 317 -11.74 -13.66 0.81
CA ALA A 317 -10.88 -14.78 1.25
C ALA A 317 -11.29 -16.06 0.55
N ILE A 318 -12.61 -16.22 0.43
CA ILE A 318 -13.20 -17.39 -0.21
C ILE A 318 -12.91 -17.40 -1.71
N MET A 319 -13.08 -16.26 -2.38
CA MET A 319 -12.83 -16.23 -3.81
C MET A 319 -11.35 -16.58 -4.10
N ARG A 320 -10.43 -15.98 -3.35
CA ARG A 320 -9.01 -16.30 -3.55
C ARG A 320 -8.80 -17.81 -3.36
N ASN A 321 -9.42 -18.39 -2.33
CA ASN A 321 -9.22 -19.80 -2.11
C ASN A 321 -9.76 -20.68 -3.22
N ILE A 322 -11.00 -20.40 -3.68
CA ILE A 322 -11.57 -21.13 -4.79
C ILE A 322 -10.58 -21.05 -5.96
N GLU A 323 -10.08 -19.86 -6.28
CA GLU A 323 -9.14 -19.74 -7.39
C GLU A 323 -7.86 -20.54 -7.19
N LYS A 324 -7.39 -20.60 -5.96
CA LYS A 324 -6.15 -21.33 -5.68
C LYS A 324 -6.41 -22.82 -5.83
N MET A 325 -7.46 -23.33 -5.22
CA MET A 325 -7.84 -24.72 -5.31
C MET A 325 -8.03 -25.18 -6.76
N LEU A 326 -8.86 -24.48 -7.53
CA LEU A 326 -9.08 -24.83 -8.92
C LEU A 326 -7.73 -24.89 -9.65
N GLY A 327 -6.84 -23.97 -9.33
CA GLY A 327 -5.53 -23.98 -9.99
C GLY A 327 -4.77 -25.28 -9.75
N GLU A 328 -4.78 -25.81 -8.52
CA GLU A 328 -4.06 -27.05 -8.25
C GLU A 328 -4.81 -28.25 -8.76
N ALA A 329 -6.11 -28.28 -8.51
CA ALA A 329 -6.89 -29.41 -8.94
C ALA A 329 -6.82 -29.65 -10.45
N LEU A 330 -6.87 -28.58 -11.24
CA LEU A 330 -6.82 -28.70 -12.69
C LEU A 330 -5.41 -28.91 -13.22
N GLY A 331 -4.44 -28.74 -12.31
CA GLY A 331 -3.05 -28.92 -12.67
C GLY A 331 -2.52 -27.79 -13.53
N ASN A 332 -3.28 -26.73 -13.69
CA ASN A 332 -2.81 -25.63 -14.50
C ASN A 332 -3.66 -24.40 -14.27
N PRO A 333 -3.05 -23.30 -13.78
CA PRO A 333 -3.82 -22.08 -13.53
C PRO A 333 -4.49 -21.46 -14.74
N GLN A 334 -3.99 -21.76 -15.93
CA GLN A 334 -4.57 -21.20 -17.15
C GLN A 334 -5.95 -21.76 -17.41
N GLU A 335 -6.28 -22.88 -16.76
CA GLU A 335 -7.60 -23.53 -16.94
C GLU A 335 -8.70 -22.98 -16.04
N VAL A 336 -8.30 -22.25 -15.01
CA VAL A 336 -9.23 -21.68 -14.04
C VAL A 336 -10.35 -20.89 -14.69
N GLY A 337 -10.02 -20.00 -15.61
CA GLY A 337 -11.02 -19.19 -16.25
C GLY A 337 -12.04 -19.97 -17.04
N PRO A 338 -11.58 -20.87 -17.92
CA PRO A 338 -12.51 -21.66 -18.72
C PRO A 338 -13.44 -22.47 -17.81
N LEU A 339 -12.89 -23.02 -16.74
CA LEU A 339 -13.74 -23.80 -15.86
C LEU A 339 -14.78 -22.91 -15.23
N LEU A 340 -14.32 -21.79 -14.65
CA LEU A 340 -15.21 -20.85 -14.00
C LEU A 340 -16.32 -20.44 -14.94
N ASN A 341 -15.96 -20.05 -16.16
CA ASN A 341 -16.97 -19.64 -17.16
C ASN A 341 -18.00 -20.74 -17.49
N THR A 342 -17.48 -21.95 -17.76
CA THR A 342 -18.30 -23.11 -18.07
C THR A 342 -19.28 -23.28 -16.93
N MET A 343 -18.79 -23.11 -15.70
CA MET A 343 -19.62 -23.28 -14.53
C MET A 343 -20.77 -22.22 -14.44
N ILE A 344 -20.55 -20.99 -14.93
CA ILE A 344 -21.64 -20.04 -14.80
C ILE A 344 -22.46 -19.74 -16.04
N LYS A 345 -21.86 -19.80 -17.24
CA LYS A 345 -22.59 -19.48 -18.46
C LYS A 345 -23.91 -20.23 -18.58
N GLY A 346 -24.99 -19.47 -18.64
CA GLY A 346 -26.30 -20.06 -18.77
C GLY A 346 -26.81 -20.82 -17.55
N ARG A 347 -26.10 -20.66 -16.43
CA ARG A 347 -26.44 -21.35 -15.17
C ARG A 347 -26.55 -20.38 -13.98
N TYR A 348 -25.64 -19.41 -13.90
CA TYR A 348 -25.70 -18.44 -12.79
C TYR A 348 -25.69 -16.96 -13.18
N ASN A 349 -25.50 -16.64 -14.46
CA ASN A 349 -25.43 -15.24 -14.86
C ASN A 349 -26.64 -14.64 -15.61
N ARG B 7 -11.93 -22.53 6.68
CA ARG B 7 -11.56 -23.54 5.64
C ARG B 7 -11.34 -22.80 4.30
N LEU B 8 -12.44 -22.34 3.72
CA LEU B 8 -12.40 -21.57 2.50
C LEU B 8 -12.24 -20.12 3.00
N LEU B 9 -12.54 -19.91 4.28
CA LEU B 9 -12.45 -18.60 4.91
C LEU B 9 -11.05 -18.24 5.34
N GLU B 10 -10.15 -19.20 5.31
CA GLU B 10 -8.78 -18.99 5.72
C GLU B 10 -8.04 -18.05 4.81
N ALA B 11 -7.29 -17.12 5.40
CA ALA B 11 -6.53 -16.16 4.60
C ALA B 11 -5.06 -16.51 4.58
N SER B 12 -4.31 -15.88 3.67
CA SER B 12 -2.87 -16.09 3.61
C SER B 12 -2.28 -14.78 4.12
N ALA B 13 -1.08 -14.41 3.67
CA ALA B 13 -0.47 -13.16 4.11
C ALA B 13 0.51 -12.59 3.09
N ASP B 14 -0.02 -12.03 2.01
CA ASP B 14 0.80 -11.44 0.97
C ASP B 14 0.72 -9.92 0.98
N ALA B 15 1.84 -9.28 0.67
CA ALA B 15 1.96 -7.83 0.60
C ALA B 15 2.88 -7.51 -0.58
N ASN B 16 2.87 -6.25 -1.02
CA ASN B 16 3.69 -5.82 -2.15
C ASN B 16 5.19 -5.79 -1.85
FE FE2 C . 0.06 -1.99 0.03
S SO4 D . 16.08 9.19 -19.22
O1 SO4 D . 15.80 8.83 -17.82
O2 SO4 D . 16.56 10.58 -19.29
O3 SO4 D . 17.13 8.27 -19.71
O4 SO4 D . 14.86 9.06 -20.04
S SO4 E . -18.59 -5.32 5.36
O1 SO4 E . -18.91 -5.49 6.80
O2 SO4 E . -19.22 -4.09 4.82
O3 SO4 E . -17.13 -5.20 5.23
O4 SO4 E . -19.09 -6.47 4.59
C1 AKG F . 1.66 -0.55 1.60
O1 AKG F . 2.27 -0.12 2.58
O2 AKG F . 0.85 -1.46 1.73
C2 AKG F . 1.90 0.06 0.21
O5 AKG F . 1.40 -0.50 -0.76
C3 AKG F . 2.65 1.23 0.08
C4 AKG F . 3.00 1.70 -1.18
C5 AKG F . 3.51 3.15 -1.17
O3 AKG F . 3.89 3.67 -2.21
O4 AKG F . 3.53 3.81 -0.13
C1 GOL G . -2.24 0.17 -13.64
O1 GOL G . -2.68 1.45 -14.02
C2 GOL G . -3.18 -0.89 -14.22
O2 GOL G . -3.20 -0.81 -15.64
C3 GOL G . -2.71 -2.26 -13.80
O3 GOL G . -3.59 -3.23 -14.34
C1 GOL H . -19.52 -8.13 -0.89
O1 GOL H . -20.68 -8.87 -0.56
C2 GOL H . -18.67 -8.91 -1.89
O2 GOL H . -19.42 -9.16 -3.10
C3 GOL H . -17.42 -8.12 -2.23
O3 GOL H . -16.66 -8.88 -3.17
C1 GOL I . -12.85 14.02 8.77
O1 GOL I . -14.02 13.80 9.54
C2 GOL I . -11.87 14.94 9.52
O2 GOL I . -11.52 14.36 10.79
C3 GOL I . -10.60 15.16 8.68
O3 GOL I . -9.70 16.01 9.38
C1 GOL J . -16.94 0.53 5.14
O1 GOL J . -17.80 0.40 4.00
C2 GOL J . -16.75 -0.84 5.82
O2 GOL J . -16.18 -1.77 4.88
C3 GOL J . -15.82 -0.71 7.04
O3 GOL J . -15.63 -2.00 7.67
#